data_6ZPC
#
_entry.id   6ZPC
#
_cell.length_a   141.650
_cell.length_b   141.650
_cell.length_c   53.730
_cell.angle_alpha   90.000
_cell.angle_beta   90.000
_cell.angle_gamma   120.000
#
_symmetry.space_group_name_H-M   'H 3 2'
#
loop_
_entity.id
_entity.type
_entity.pdbx_description
1 polymer DatZ
2 non-polymer "2'-DEOXYADENOSINE 5'-TRIPHOSPHATE"
3 non-polymer 'ZINC ION'
4 non-polymer 'LITHIUM ION'
5 water water
#
_entity_poly.entity_id   1
_entity_poly.type   'polypeptide(L)'
_entity_poly.pdbx_seq_one_letter_code
;GTGDGSMTLQITETYERLRASHISRWGIVQTTYPQNIAEHMWRVWLLCRDWGAAAGMPQHTVRQACEFALVHDLAEIRTG
DAPTPHKTPELKELLAGIEAQIVPEVAELEATMAPEARELWKFCDTAEAVLFLKVNGLGAHAYDVQHLLMEQMKRRLMDS
VLDVEVQDELMFQFERTIKKT
;
_entity_poly.pdbx_strand_id   A
#
loop_
_chem_comp.id
_chem_comp.type
_chem_comp.name
_chem_comp.formula
DTP non-polymer '2'-DEOXYADENOSINE 5'-TRIPHOSPHATE' 'C10 H16 N5 O12 P3'
LI non-polymer 'LITHIUM ION' 'Li 1'
ZN non-polymer 'ZINC ION' 'Zn 2'
#
# COMPACT_ATOMS: atom_id res chain seq x y z
N LEU A 9 1.74 -10.99 22.10
CA LEU A 9 1.75 -10.88 20.64
C LEU A 9 0.88 -9.72 20.19
N GLN A 10 -0.36 -9.64 20.69
CA GLN A 10 -1.29 -8.57 20.28
C GLN A 10 -0.74 -7.20 20.63
N ILE A 11 -0.88 -6.27 19.70
CA ILE A 11 -0.53 -4.87 19.92
C ILE A 11 -1.73 -4.18 20.54
N THR A 12 -1.55 -3.66 21.75
CA THR A 12 -2.64 -3.02 22.49
C THR A 12 -2.33 -1.61 22.97
N GLU A 13 -1.08 -1.14 22.88
CA GLU A 13 -0.67 0.10 23.53
C GLU A 13 -0.25 1.14 22.51
N THR A 14 -0.58 2.40 22.81
CA THR A 14 -0.14 3.51 21.99
C THR A 14 1.38 3.56 21.85
N TYR A 15 2.13 3.28 22.92
CA TYR A 15 3.59 3.34 22.79
C TYR A 15 4.09 2.34 21.75
N GLU A 16 3.40 1.23 21.58
CA GLU A 16 3.77 0.26 20.54
C GLU A 16 3.38 0.78 19.16
N ARG A 17 2.15 1.30 19.03
CA ARG A 17 1.70 1.81 17.73
C ARG A 17 2.55 2.98 17.24
N LEU A 18 3.08 3.79 18.17
CA LEU A 18 3.98 4.87 17.78
C LEU A 18 5.24 4.35 17.14
N ARG A 19 5.61 3.09 17.43
CA ARG A 19 6.80 2.53 16.79
C ARG A 19 6.59 2.24 15.30
N ALA A 20 5.44 2.57 14.72
CA ALA A 20 5.36 2.61 13.27
C ALA A 20 6.55 3.37 12.68
N SER A 21 6.98 4.46 13.33
CA SER A 21 8.09 5.23 12.77
C SER A 21 9.44 4.59 13.02
N HIS A 22 9.47 3.45 13.74
CA HIS A 22 10.70 2.66 13.94
C HIS A 22 10.79 1.48 12.99
N ILE A 23 9.80 1.27 12.14
CA ILE A 23 9.74 0.08 11.27
C ILE A 23 10.22 0.49 9.88
N SER A 24 11.34 -0.09 9.46
CA SER A 24 11.96 0.27 8.18
C SER A 24 11.48 -0.62 7.03
N ARG A 25 11.15 0.02 5.91
CA ARG A 25 10.84 -0.65 4.66
C ARG A 25 12.10 -0.85 3.82
N TRP A 26 11.94 -1.55 2.69
CA TRP A 26 13.02 -1.72 1.71
C TRP A 26 14.22 -2.46 2.29
N GLY A 27 13.96 -3.46 3.13
CA GLY A 27 15.04 -4.16 3.79
C GLY A 27 15.98 -4.94 2.88
N ILE A 28 15.64 -5.17 1.61
CA ILE A 28 16.56 -5.82 0.68
C ILE A 28 16.96 -4.94 -0.49
N VAL A 29 16.65 -3.64 -0.44
CA VAL A 29 16.89 -2.71 -1.53
C VAL A 29 17.69 -1.51 -1.00
N GLN A 30 18.72 -1.12 -1.73
CA GLN A 30 19.50 0.06 -1.35
C GLN A 30 18.70 1.33 -1.59
N THR A 31 18.62 2.18 -0.55
CA THR A 31 17.92 3.46 -0.64
C THR A 31 18.77 4.53 0.04
N THR A 32 18.42 5.79 -0.24
CA THR A 32 19.14 6.92 0.35
C THR A 32 18.95 7.00 1.85
N TYR A 33 17.82 6.56 2.36
CA TYR A 33 17.59 6.55 3.80
C TYR A 33 16.53 5.49 4.09
N PRO A 34 16.38 5.07 5.35
CA PRO A 34 15.39 4.04 5.67
C PRO A 34 14.00 4.62 5.88
N GLN A 35 13.14 4.41 4.88
CA GLN A 35 11.74 4.87 4.97
C GLN A 35 11.02 4.05 6.04
N ASN A 36 10.21 4.69 6.87
CA ASN A 36 9.42 3.98 7.86
C ASN A 36 7.96 3.83 7.42
N ILE A 37 7.25 2.96 8.14
CA ILE A 37 5.89 2.65 7.73
C ILE A 37 4.92 3.78 8.05
N ALA A 38 5.26 4.70 8.97
CA ALA A 38 4.38 5.83 9.27
C ALA A 38 4.32 6.80 8.08
N GLU A 39 5.48 7.18 7.56
CA GLU A 39 5.46 8.04 6.38
C GLU A 39 4.86 7.34 5.17
N HIS A 40 5.12 6.03 5.03
CA HIS A 40 4.51 5.27 3.94
C HIS A 40 2.98 5.27 4.05
N MET A 41 2.43 4.96 5.23
CA MET A 41 0.98 4.91 5.37
C MET A 41 0.35 6.27 5.15
N TRP A 42 0.99 7.34 5.63
CA TRP A 42 0.46 8.68 5.35
C TRP A 42 0.39 8.93 3.85
N ARG A 43 1.45 8.60 3.13
CA ARG A 43 1.47 8.85 1.69
C ARG A 43 0.43 7.98 0.96
N VAL A 44 0.27 6.71 1.37
CA VAL A 44 -0.76 5.89 0.75
C VAL A 44 -2.15 6.47 1.00
N TRP A 45 -2.40 6.91 2.24
CA TRP A 45 -3.65 7.57 2.59
C TRP A 45 -3.91 8.75 1.66
N LEU A 46 -2.88 9.58 1.49
CA LEU A 46 -3.01 10.75 0.62
CA LEU A 46 -3.02 10.76 0.61
C LEU A 46 -3.40 10.35 -0.80
N LEU A 47 -2.72 9.35 -1.34
CA LEU A 47 -3.05 8.91 -2.69
C LEU A 47 -4.47 8.37 -2.77
N CYS A 48 -4.89 7.57 -1.81
CA CYS A 48 -6.27 7.09 -1.80
C CYS A 48 -7.25 8.26 -1.82
N ARG A 49 -7.01 9.25 -0.95
CA ARG A 49 -7.90 10.40 -0.87
C ARG A 49 -7.96 11.15 -2.18
N ASP A 50 -6.79 11.51 -2.71
CA ASP A 50 -6.76 12.38 -3.89
C ASP A 50 -7.19 11.65 -5.15
N TRP A 51 -6.67 10.44 -5.36
CA TRP A 51 -6.94 9.75 -6.60
C TRP A 51 -8.30 9.08 -6.60
N GLY A 52 -8.77 8.63 -5.43
CA GLY A 52 -10.15 8.18 -5.36
C GLY A 52 -11.12 9.27 -5.75
N ALA A 53 -10.88 10.49 -5.27
CA ALA A 53 -11.72 11.62 -5.65
C ALA A 53 -11.58 11.95 -7.13
N ALA A 54 -10.34 11.97 -7.64
CA ALA A 54 -10.14 12.31 -9.04
C ALA A 54 -10.87 11.33 -9.95
N ALA A 55 -10.90 10.06 -9.56
CA ALA A 55 -11.55 9.02 -10.34
C ALA A 55 -13.05 8.98 -10.14
N GLY A 56 -13.61 9.85 -9.30
CA GLY A 56 -15.05 9.89 -9.14
C GLY A 56 -15.63 8.71 -8.39
N MET A 57 -14.82 8.03 -7.59
CA MET A 57 -15.31 6.87 -6.87
C MET A 57 -16.23 7.31 -5.75
N PRO A 58 -17.18 6.48 -5.36
CA PRO A 58 -18.10 6.87 -4.30
C PRO A 58 -17.35 7.23 -3.03
N GLN A 59 -17.89 8.22 -2.32
CA GLN A 59 -17.28 8.66 -1.08
C GLN A 59 -17.08 7.51 -0.09
N HIS A 60 -18.07 6.62 0.04
CA HIS A 60 -17.91 5.53 0.99
C HIS A 60 -16.76 4.62 0.63
N THR A 61 -16.48 4.45 -0.68
CA THR A 61 -15.36 3.61 -1.10
C THR A 61 -14.03 4.29 -0.81
N VAL A 62 -13.95 5.57 -1.09
CA VAL A 62 -12.71 6.29 -0.84
C VAL A 62 -12.43 6.34 0.66
N ARG A 63 -13.48 6.54 1.47
CA ARG A 63 -13.31 6.56 2.92
C ARG A 63 -12.77 5.23 3.42
N GLN A 64 -13.30 4.13 2.93
CA GLN A 64 -12.86 2.82 3.38
C GLN A 64 -11.41 2.57 2.99
N ALA A 65 -11.03 2.93 1.77
CA ALA A 65 -9.63 2.80 1.36
C ALA A 65 -8.72 3.64 2.26
N CYS A 66 -9.10 4.89 2.51
CA CYS A 66 -8.29 5.78 3.35
C CYS A 66 -8.16 5.26 4.77
N GLU A 67 -9.26 4.75 5.34
CA GLU A 67 -9.20 4.23 6.71
C GLU A 67 -8.22 3.06 6.78
N PHE A 68 -8.27 2.16 5.80
CA PHE A 68 -7.36 1.03 5.80
C PHE A 68 -5.93 1.48 5.55
N ALA A 69 -5.75 2.47 4.67
CA ALA A 69 -4.40 2.95 4.38
C ALA A 69 -3.65 3.36 5.63
N LEU A 70 -4.33 3.98 6.58
CA LEU A 70 -3.69 4.51 7.76
C LEU A 70 -3.24 3.45 8.76
N VAL A 71 -3.73 2.21 8.66
CA VAL A 71 -3.45 1.17 9.63
C VAL A 71 -2.93 -0.11 9.02
N HIS A 72 -2.85 -0.21 7.68
CA HIS A 72 -2.75 -1.51 7.04
C HIS A 72 -1.47 -2.26 7.40
N ASP A 73 -0.40 -1.55 7.76
CA ASP A 73 0.89 -2.17 8.08
C ASP A 73 1.20 -2.23 9.58
N LEU A 74 0.24 -1.97 10.45
CA LEU A 74 0.53 -1.97 11.89
C LEU A 74 1.12 -3.30 12.37
N ALA A 75 0.72 -4.44 11.79
CA ALA A 75 1.27 -5.71 12.26
C ALA A 75 2.79 -5.74 12.13
N GLU A 76 3.35 -4.97 11.19
CA GLU A 76 4.80 -4.97 10.98
C GLU A 76 5.57 -4.46 12.19
N ILE A 77 4.91 -3.77 13.12
CA ILE A 77 5.56 -3.38 14.36
C ILE A 77 6.09 -4.61 15.09
N ARG A 78 5.46 -5.78 14.92
CA ARG A 78 5.94 -7.07 15.40
C ARG A 78 6.63 -7.91 14.32
N THR A 79 6.04 -7.99 13.12
CA THR A 79 6.54 -8.96 12.14
C THR A 79 7.74 -8.44 11.36
N GLY A 80 7.94 -7.13 11.33
CA GLY A 80 8.79 -6.51 10.34
C GLY A 80 8.15 -6.46 8.98
N ASP A 81 8.71 -5.61 8.13
CA ASP A 81 8.35 -5.53 6.72
C ASP A 81 9.22 -6.52 5.95
N ALA A 82 8.57 -7.31 5.10
CA ALA A 82 9.23 -8.36 4.33
C ALA A 82 9.03 -8.13 2.84
N PRO A 83 9.96 -8.57 2.00
CA PRO A 83 9.94 -8.16 0.59
C PRO A 83 8.82 -8.84 -0.16
N THR A 84 8.18 -8.10 -1.07
CA THR A 84 7.09 -8.64 -1.86
C THR A 84 7.41 -9.97 -2.55
N PRO A 85 8.54 -10.14 -3.24
CA PRO A 85 8.78 -11.42 -3.93
C PRO A 85 8.82 -12.61 -2.99
N HIS A 86 9.18 -12.38 -1.73
CA HIS A 86 9.29 -13.41 -0.71
C HIS A 86 7.92 -13.89 -0.23
N LYS A 87 6.88 -13.06 -0.37
CA LYS A 87 5.55 -13.36 0.15
C LYS A 87 4.80 -14.25 -0.85
N THR A 88 5.13 -15.53 -0.80
CA THR A 88 4.45 -16.53 -1.61
C THR A 88 3.11 -16.88 -0.97
N PRO A 89 2.23 -17.58 -1.71
CA PRO A 89 0.91 -17.91 -1.14
C PRO A 89 0.99 -18.63 0.21
N GLU A 90 1.90 -19.59 0.37
CA GLU A 90 1.98 -20.32 1.63
C GLU A 90 2.45 -19.42 2.77
N LEU A 91 3.42 -18.55 2.52
CA LEU A 91 3.86 -17.62 3.56
C LEU A 91 2.78 -16.61 3.89
N LYS A 92 2.07 -16.12 2.86
CA LYS A 92 1.01 -15.15 3.11
C LYS A 92 -0.08 -15.74 3.98
N GLU A 93 -0.42 -17.01 3.75
CA GLU A 93 -1.44 -17.66 4.58
C GLU A 93 -1.00 -17.71 6.03
N LEU A 94 0.24 -18.12 6.28
CA LEU A 94 0.74 -18.14 7.66
C LEU A 94 0.76 -16.73 8.24
N LEU A 95 1.23 -15.76 7.45
CA LEU A 95 1.30 -14.39 7.96
C LEU A 95 -0.10 -13.81 8.23
N ALA A 96 -1.10 -14.18 7.44
CA ALA A 96 -2.43 -13.64 7.68
C ALA A 96 -2.96 -14.05 9.04
N GLY A 97 -2.74 -15.31 9.43
CA GLY A 97 -3.19 -15.75 10.74
C GLY A 97 -2.44 -15.06 11.86
N ILE A 98 -1.13 -14.90 11.71
CA ILE A 98 -0.31 -14.22 12.72
C ILE A 98 -0.73 -12.76 12.81
N GLU A 99 -0.88 -12.11 11.66
CA GLU A 99 -1.28 -10.71 11.65
C GLU A 99 -2.64 -10.51 12.29
N ALA A 100 -3.56 -11.47 12.13
CA ALA A 100 -4.89 -11.33 12.74
C ALA A 100 -4.84 -11.42 14.26
N GLN A 101 -3.85 -12.12 14.82
CA GLN A 101 -3.67 -12.09 16.27
C GLN A 101 -2.98 -10.81 16.73
N ILE A 102 -2.09 -10.25 15.90
CA ILE A 102 -1.35 -9.06 16.30
C ILE A 102 -2.27 -7.85 16.32
N VAL A 103 -3.07 -7.67 15.27
CA VAL A 103 -3.92 -6.49 15.10
C VAL A 103 -5.30 -6.95 14.66
N PRO A 104 -6.09 -7.52 15.56
CA PRO A 104 -7.42 -8.00 15.15
C PRO A 104 -8.29 -6.92 14.54
N GLU A 105 -8.14 -5.67 14.97
CA GLU A 105 -8.96 -4.60 14.42
C GLU A 105 -8.63 -4.31 12.97
N VAL A 106 -7.35 -4.44 12.60
CA VAL A 106 -6.95 -4.25 11.21
C VAL A 106 -7.45 -5.42 10.37
N ALA A 107 -7.36 -6.64 10.90
CA ALA A 107 -7.88 -7.79 10.19
C ALA A 107 -9.38 -7.65 9.93
N GLU A 108 -10.12 -7.12 10.90
CA GLU A 108 -11.55 -6.93 10.70
C GLU A 108 -11.81 -5.90 9.61
N LEU A 109 -11.06 -4.80 9.59
CA LEU A 109 -11.21 -3.83 8.52
CA LEU A 109 -11.21 -3.83 8.52
C LEU A 109 -10.91 -4.47 7.17
N GLU A 110 -9.82 -5.23 7.10
CA GLU A 110 -9.46 -5.85 5.83
CA GLU A 110 -9.45 -5.86 5.83
C GLU A 110 -10.58 -6.77 5.35
N ALA A 111 -11.20 -7.53 6.25
CA ALA A 111 -12.25 -8.46 5.87
C ALA A 111 -13.53 -7.76 5.46
N THR A 112 -13.69 -6.48 5.80
CA THR A 112 -14.88 -5.72 5.46
CA THR A 112 -14.90 -5.74 5.45
C THR A 112 -14.72 -4.87 4.21
N MET A 113 -13.49 -4.69 3.74
CA MET A 113 -13.23 -3.84 2.58
CA MET A 113 -13.25 -3.83 2.59
C MET A 113 -13.98 -4.31 1.35
N ALA A 114 -14.65 -3.38 0.68
CA ALA A 114 -15.25 -3.68 -0.60
C ALA A 114 -14.16 -3.88 -1.66
N PRO A 115 -14.41 -4.73 -2.66
CA PRO A 115 -13.42 -4.92 -3.72
C PRO A 115 -12.93 -3.63 -4.37
N GLU A 116 -13.81 -2.66 -4.64
CA GLU A 116 -13.36 -1.43 -5.26
C GLU A 116 -12.43 -0.64 -4.34
N ALA A 117 -12.73 -0.61 -3.04
CA ALA A 117 -11.84 0.05 -2.07
C ALA A 117 -10.51 -0.67 -1.97
N ARG A 118 -10.53 -2.01 -1.96
CA ARG A 118 -9.29 -2.77 -1.93
C ARG A 118 -8.41 -2.45 -3.14
N GLU A 119 -9.02 -2.38 -4.33
CA GLU A 119 -8.23 -2.13 -5.55
C GLU A 119 -7.69 -0.71 -5.58
N LEU A 120 -8.45 0.26 -5.09
CA LEU A 120 -7.90 1.61 -4.95
C LEU A 120 -6.71 1.61 -3.99
N TRP A 121 -6.89 1.04 -2.80
CA TRP A 121 -5.81 0.97 -1.84
C TRP A 121 -4.59 0.25 -2.43
N LYS A 122 -4.80 -0.88 -3.10
CA LYS A 122 -3.64 -1.63 -3.61
C LYS A 122 -2.91 -0.86 -4.70
N PHE A 123 -3.65 -0.19 -5.60
CA PHE A 123 -3.01 0.66 -6.61
C PHE A 123 -2.15 1.73 -5.94
N CYS A 124 -2.69 2.37 -4.91
CA CYS A 124 -1.98 3.46 -4.26
C CYS A 124 -0.81 2.96 -3.42
N ASP A 125 -0.97 1.78 -2.79
CA ASP A 125 0.11 1.17 -2.03
C ASP A 125 1.32 0.91 -2.92
N THR A 126 1.09 0.33 -4.11
CA THR A 126 2.20 0.06 -5.01
C THR A 126 2.72 1.34 -5.65
N ALA A 127 1.82 2.27 -6.02
CA ALA A 127 2.25 3.53 -6.61
C ALA A 127 3.17 4.28 -5.67
N GLU A 128 2.84 4.31 -4.38
CA GLU A 128 3.68 5.01 -3.41
C GLU A 128 5.08 4.46 -3.41
N ALA A 129 5.21 3.15 -3.50
CA ALA A 129 6.52 2.50 -3.50
C ALA A 129 7.32 2.87 -4.76
N VAL A 130 6.68 2.86 -5.93
CA VAL A 130 7.34 3.28 -7.17
C VAL A 130 7.81 4.71 -7.05
N LEU A 131 6.93 5.58 -6.54
CA LEU A 131 7.26 7.00 -6.37
C LEU A 131 8.41 7.20 -5.40
N PHE A 132 8.42 6.42 -4.31
CA PHE A 132 9.51 6.51 -3.34
C PHE A 132 10.84 6.13 -3.99
N LEU A 133 10.88 4.99 -4.70
CA LEU A 133 12.14 4.57 -5.31
C LEU A 133 12.59 5.51 -6.41
N LYS A 134 11.65 6.13 -7.14
CA LYS A 134 12.02 7.07 -8.18
C LYS A 134 12.97 8.13 -7.64
N VAL A 135 12.73 8.60 -6.40
CA VAL A 135 13.58 9.61 -5.78
C VAL A 135 14.74 9.00 -5.02
N ASN A 136 14.49 7.91 -4.29
CA ASN A 136 15.37 7.46 -3.21
C ASN A 136 16.01 6.11 -3.44
N GLY A 137 15.70 5.42 -4.54
CA GLY A 137 16.37 4.16 -4.82
C GLY A 137 17.79 4.40 -5.32
N LEU A 138 18.69 3.46 -5.01
CA LEU A 138 20.08 3.53 -5.46
C LEU A 138 20.51 2.24 -6.12
N GLY A 139 21.05 2.33 -7.34
CA GLY A 139 21.65 1.19 -8.02
C GLY A 139 20.69 0.45 -8.92
N ALA A 140 21.27 -0.53 -9.62
CA ALA A 140 20.57 -1.23 -10.69
C ALA A 140 19.44 -2.12 -10.17
N HIS A 141 19.67 -2.80 -9.05
CA HIS A 141 18.61 -3.63 -8.47
C HIS A 141 17.41 -2.78 -8.07
N ALA A 142 17.67 -1.63 -7.39
CA ALA A 142 16.57 -0.76 -7.00
C ALA A 142 15.81 -0.26 -8.21
N TYR A 143 16.52 0.03 -9.29
CA TYR A 143 15.87 0.49 -10.52
C TYR A 143 14.96 -0.59 -11.08
N ASP A 144 15.45 -1.83 -11.10
CA ASP A 144 14.65 -2.95 -11.59
C ASP A 144 13.42 -3.14 -10.73
N VAL A 145 13.57 -3.04 -9.42
CA VAL A 145 12.43 -3.20 -8.51
C VAL A 145 11.39 -2.12 -8.76
N GLN A 146 11.83 -0.87 -8.92
CA GLN A 146 10.91 0.23 -9.23
C GLN A 146 10.07 -0.09 -10.46
N HIS A 147 10.73 -0.55 -11.52
CA HIS A 147 10.03 -0.83 -12.77
C HIS A 147 9.18 -2.09 -12.69
N LEU A 148 9.64 -3.10 -11.96
CA LEU A 148 8.81 -4.29 -11.78
C LEU A 148 7.52 -3.94 -11.04
N LEU A 149 7.64 -3.17 -9.96
CA LEU A 149 6.45 -2.78 -9.21
C LEU A 149 5.49 -2.01 -10.10
N MET A 150 6.00 -1.14 -10.94
CA MET A 150 5.12 -0.37 -11.82
C MET A 150 4.38 -1.30 -12.77
N GLU A 151 5.05 -2.31 -13.32
CA GLU A 151 4.38 -3.28 -14.18
C GLU A 151 3.33 -4.07 -13.42
N GLN A 152 3.66 -4.49 -12.20
CA GLN A 152 2.72 -5.25 -11.40
C GLN A 152 1.48 -4.42 -11.05
N MET A 153 1.69 -3.15 -10.72
CA MET A 153 0.58 -2.24 -10.41
C MET A 153 -0.39 -2.14 -11.59
N LYS A 154 0.16 -1.96 -12.79
CA LYS A 154 -0.66 -1.83 -13.98
C LYS A 154 -1.40 -3.11 -14.28
N ARG A 155 -0.73 -4.26 -14.15
CA ARG A 155 -1.39 -5.52 -14.46
C ARG A 155 -2.53 -5.78 -13.49
N ARG A 156 -2.30 -5.55 -12.20
CA ARG A 156 -3.36 -5.75 -11.23
C ARG A 156 -4.54 -4.82 -11.51
N LEU A 157 -4.25 -3.56 -11.81
CA LEU A 157 -5.33 -2.62 -12.10
C LEU A 157 -6.13 -3.07 -13.31
N MET A 158 -5.45 -3.44 -14.38
CA MET A 158 -6.12 -3.82 -15.63
C MET A 158 -7.00 -5.04 -15.44
N ASP A 159 -6.64 -5.93 -14.53
CA ASP A 159 -7.40 -7.16 -14.30
C ASP A 159 -8.45 -7.01 -13.20
N SER A 160 -8.57 -5.82 -12.61
CA SER A 160 -9.41 -5.62 -11.45
C SER A 160 -10.87 -5.37 -11.85
N VAL A 161 -11.75 -5.34 -10.85
CA VAL A 161 -13.15 -5.00 -11.07
C VAL A 161 -13.40 -3.52 -11.28
N LEU A 162 -12.38 -2.67 -11.19
CA LEU A 162 -12.64 -1.24 -11.38
C LEU A 162 -13.05 -0.99 -12.83
N ASP A 163 -14.00 -0.08 -13.03
CA ASP A 163 -14.43 0.30 -14.38
C ASP A 163 -13.23 0.82 -15.15
N VAL A 164 -13.24 0.61 -16.47
CA VAL A 164 -12.10 1.05 -17.29
CA VAL A 164 -12.10 1.05 -17.29
CA VAL A 164 -12.10 1.05 -17.29
C VAL A 164 -11.90 2.55 -17.17
N GLU A 165 -12.98 3.33 -17.04
CA GLU A 165 -12.81 4.77 -16.91
C GLU A 165 -12.08 5.14 -15.62
N VAL A 166 -12.33 4.38 -14.55
CA VAL A 166 -11.62 4.59 -13.29
C VAL A 166 -10.17 4.17 -13.44
N GLN A 167 -9.92 3.00 -14.05
CA GLN A 167 -8.55 2.59 -14.31
C GLN A 167 -7.79 3.66 -15.06
N ASP A 168 -8.40 4.21 -16.12
CA ASP A 168 -7.71 5.20 -16.94
C ASP A 168 -7.41 6.47 -16.13
N GLU A 169 -8.35 6.90 -15.29
CA GLU A 169 -8.09 8.09 -14.49
C GLU A 169 -6.95 7.85 -13.50
N LEU A 170 -6.92 6.67 -12.88
CA LEU A 170 -5.83 6.34 -11.95
C LEU A 170 -4.49 6.36 -12.67
N MET A 171 -4.41 5.77 -13.88
CA MET A 171 -3.15 5.77 -14.62
C MET A 171 -2.78 7.18 -15.09
N PHE A 172 -3.79 7.97 -15.51
CA PHE A 172 -3.55 9.37 -15.88
C PHE A 172 -2.90 10.12 -14.73
N GLN A 173 -3.46 10.01 -13.54
CA GLN A 173 -2.93 10.71 -12.37
C GLN A 173 -1.58 10.16 -11.95
N PHE A 174 -1.42 8.84 -11.96
CA PHE A 174 -0.12 8.26 -11.62
C PHE A 174 0.98 8.80 -12.52
N GLU A 175 0.74 8.80 -13.83
CA GLU A 175 1.79 9.20 -14.76
C GLU A 175 2.11 10.68 -14.63
N ARG A 176 1.09 11.53 -14.43
CA ARG A 176 1.36 12.95 -14.18
C ARG A 176 2.19 13.15 -12.92
N THR A 177 1.89 12.35 -11.88
CA THR A 177 2.56 12.50 -10.60
C THR A 177 4.01 12.03 -10.66
N ILE A 178 4.26 10.88 -11.29
CA ILE A 178 5.64 10.40 -11.30
C ILE A 178 6.54 11.31 -12.14
N LYS A 179 5.99 11.93 -13.19
CA LYS A 179 6.79 12.83 -14.02
C LYS A 179 7.31 14.00 -13.20
N LYS A 180 6.57 14.40 -12.17
CA LYS A 180 6.89 15.57 -11.35
C LYS A 180 7.51 15.17 -10.02
N THR A 181 7.92 13.92 -9.88
N THR A 181 7.92 13.92 -9.88
CA THR A 181 8.50 13.39 -8.65
CA THR A 181 8.51 13.40 -8.63
C THR A 181 10.00 13.06 -8.84
C THR A 181 9.95 12.93 -8.85
PG DTP B . 0.90 -7.53 1.39
O1G DTP B . -0.17 -6.54 1.06
O2G DTP B . 0.51 -9.00 1.20
O3G DTP B . 1.50 -7.35 2.79
PB DTP B . 3.01 -6.19 -0.22
O1B DTP B . 2.25 -5.30 -1.11
O2B DTP B . 4.20 -6.89 -0.85
O3B DTP B . 2.11 -7.36 0.37
PA DTP B . 4.39 -4.14 1.44
O1A DTP B . 3.97 -2.88 0.78
O2A DTP B . 4.41 -4.10 2.98
O3A DTP B . 3.52 -5.43 1.10
O5' DTP B . 5.83 -4.40 0.66
C5' DTP B . 6.80 -5.28 1.22
C4' DTP B . 8.16 -4.64 1.10
O4' DTP B . 8.80 -5.13 -0.09
C3' DTP B . 8.24 -3.11 1.03
O3' DTP B . 9.37 -2.69 1.79
C2' DTP B . 8.51 -2.85 -0.44
C1' DTP B . 9.38 -4.05 -0.80
N9 DTP B . 9.41 -4.43 -2.20
C8 DTP B . 8.39 -4.45 -3.11
N7 DTP B . 8.67 -5.09 -4.22
C5 DTP B . 9.98 -5.53 -4.03
C6 DTP B . 10.85 -6.28 -4.83
N6 DTP B . 10.55 -6.72 -6.06
N1 DTP B . 12.09 -6.54 -4.34
C2 DTP B . 12.41 -6.06 -3.14
N3 DTP B . 11.66 -5.34 -2.29
C4 DTP B . 10.45 -5.12 -2.79
H5'1 DTP B . 6.79 -6.25 0.74
H5'2 DTP B . 6.50 -5.46 2.25
H4' DTP B . 8.82 -4.99 1.89
H3' DTP B . 7.32 -2.65 1.38
HO3' DTP B . 9.01 -2.36 2.64
H2'1 DTP B . 9.06 -1.92 -0.61
H2'2 DTP B . 7.60 -2.76 -1.05
H1' DTP B . 10.40 -3.96 -0.45
H8 DTP B . 7.43 -3.96 -2.93
HN61 DTP B . 11.20 -7.25 -6.61
HN62 DTP B . 9.64 -6.52 -6.47
H2 DTP B . 13.42 -6.29 -2.80
ZN ZN C . 1.55 -0.49 2.54
LI LI D . 16.81 -1.09 1.86
LI LI E . 5.48 -3.72 4.38
#